data_7WPJ
#
_entry.id   7WPJ
#
_cell.length_a   59.728
_cell.length_b   68.987
_cell.length_c   117.404
_cell.angle_alpha   90.000
_cell.angle_beta   90.000
_cell.angle_gamma   90.000
#
_symmetry.space_group_name_H-M   'P 21 21 21'
#
loop_
_entity.id
_entity.type
_entity.pdbx_description
1 polymer 'Methionine--tRNA ligase'
2 non-polymer 1,2-ETHANEDIOL
3 water water
#
_entity_poly.entity_id   1
_entity_poly.type   'polypeptide(L)'
_entity_poly.pdbx_seq_one_letter_code
;MGSSHHHHHHSAKETFYITTPIYYPSGNLHIGHAYSTVAGDVIARYKRMQGYDVRYLTGTDEHGQKIQEKAQKAGKTEIE
YLDEMIAGIKQLWAKLEISNDDFIRTTEERHKHVVEQVFERLLKQGDIYLGEYEGWYSVPDETYYTESQLVDPQYENGKI
IGGKSPDSGHEVELVKEESYFFNISKYTDRLLEFYDQNPDFIQPPSRKNEMINNFIKPGLADLAVSRTSFNWGVHVPSNP
KHVVYVWIDALVNYISALGYLSDDESLFNKYWPADIHLMAKEIVRFHSIIWPILLMALDLPLPKKVFAHGWILMKDGKMS
KSKGNVVDPNILIDRYGLDATRYYLMRELPFGSDGVFTPEAFVERTNFDLANDLGNLVNRTISMVNKYFDGELPAYQGPL
HELDEEMEAMALETVKSYTESMESLQFSVALSTVWKFISRTNKYIDETTPWVLAKDDSQKDMLGNVMAHLVENIRYAAVL
LRPFLTHAPKEIFEQLNINNPQFMEFSSLEQYGVLNESIMVTGQPKPIFP
;
_entity_poly.pdbx_strand_id   A
#
# COMPACT_ATOMS: atom_id res chain seq x y z
N LYS A 13 3.84 23.64 -0.73
CA LYS A 13 3.87 22.24 -0.20
C LYS A 13 4.58 21.29 -1.17
N GLU A 14 5.41 20.39 -0.64
CA GLU A 14 6.04 19.36 -1.47
C GLU A 14 4.98 18.31 -1.82
N THR A 15 5.12 17.72 -3.00
CA THR A 15 4.17 16.72 -3.49
C THR A 15 4.62 15.31 -3.12
N PHE A 16 3.66 14.38 -3.11
CA PHE A 16 3.95 12.96 -2.89
C PHE A 16 2.95 12.12 -3.68
N TYR A 17 3.45 11.20 -4.50
CA TYR A 17 2.60 10.35 -5.33
C TYR A 17 2.91 8.89 -5.01
N ILE A 18 1.89 8.16 -4.58
CA ILE A 18 2.00 6.75 -4.25
C ILE A 18 0.89 5.98 -4.97
N THR A 19 1.23 4.82 -5.54
CA THR A 19 0.30 4.02 -6.29
C THR A 19 0.25 2.59 -5.75
N THR A 20 -0.94 2.00 -5.81
CA THR A 20 -1.09 0.55 -5.69
C THR A 20 -1.01 0.05 -7.13
N PRO A 21 -0.86 -1.28 -7.32
CA PRO A 21 -1.04 -1.77 -8.68
C PRO A 21 -2.52 -1.81 -9.02
N ILE A 22 -2.84 -1.70 -10.30
CA ILE A 22 -4.21 -1.93 -10.76
C ILE A 22 -4.48 -3.42 -10.70
N TYR A 23 -5.59 -3.79 -10.06
CA TYR A 23 -5.89 -5.19 -9.74
C TYR A 23 -6.73 -5.83 -10.83
N TYR A 24 -6.52 -7.13 -11.02
CA TYR A 24 -7.19 -7.88 -12.07
C TYR A 24 -8.47 -8.47 -11.50
N PRO A 25 -9.65 -8.04 -12.00
CA PRO A 25 -10.92 -8.54 -11.46
C PRO A 25 -11.37 -9.86 -12.11
N SER A 26 -10.55 -10.91 -11.96
CA SER A 26 -10.90 -12.26 -12.40
C SER A 26 -11.71 -13.00 -11.33
N GLY A 27 -11.79 -12.43 -10.13
CA GLY A 27 -12.65 -12.94 -9.06
C GLY A 27 -12.72 -11.92 -7.95
N ASN A 28 -13.29 -12.31 -6.81
CA ASN A 28 -13.42 -11.40 -5.67
C ASN A 28 -12.06 -11.15 -5.04
N LEU A 29 -11.85 -9.92 -4.57
CA LEU A 29 -10.60 -9.54 -3.94
C LEU A 29 -10.47 -10.19 -2.57
N HIS A 30 -9.28 -10.72 -2.29
CA HIS A 30 -8.94 -11.33 -1.00
C HIS A 30 -8.07 -10.38 -0.17
N ILE A 31 -7.72 -10.81 1.04
CA ILE A 31 -6.98 -9.97 2.00
C ILE A 31 -5.60 -9.49 1.54
N GLY A 32 -4.97 -10.21 0.61
CA GLY A 32 -3.78 -9.73 -0.09
C GLY A 32 -3.98 -8.40 -0.81
N HIS A 33 -5.12 -8.25 -1.49
CA HIS A 33 -5.48 -6.98 -2.13
C HIS A 33 -5.84 -5.93 -1.09
N ALA A 34 -6.50 -6.35 0.00
CA ALA A 34 -6.78 -5.48 1.13
C ALA A 34 -5.51 -4.98 1.83
N TYR A 35 -4.49 -5.85 1.91
CA TYR A 35 -3.22 -5.47 2.50
C TYR A 35 -2.56 -4.33 1.74
N SER A 36 -2.46 -4.51 0.43
CA SER A 36 -1.79 -3.56 -0.46
C SER A 36 -2.46 -2.19 -0.46
N THR A 37 -3.78 -2.18 -0.52
CA THR A 37 -4.54 -0.94 -0.54
C THR A 37 -4.50 -0.21 0.81
N VAL A 38 -4.56 -0.96 1.91
CA VAL A 38 -4.45 -0.36 3.25
C VAL A 38 -3.03 0.15 3.50
N ALA A 39 -2.02 -0.61 3.05
CA ALA A 39 -0.63 -0.19 3.17
C ALA A 39 -0.37 1.15 2.47
N GLY A 40 -0.86 1.28 1.25
CA GLY A 40 -0.76 2.53 0.49
C GLY A 40 -1.55 3.67 1.10
N ASP A 41 -2.71 3.33 1.67
CA ASP A 41 -3.56 4.30 2.37
C ASP A 41 -2.89 4.86 3.62
N VAL A 42 -2.23 3.97 4.39
CA VAL A 42 -1.51 4.36 5.59
C VAL A 42 -0.39 5.34 5.23
N ILE A 43 0.37 5.02 4.19
CA ILE A 43 1.43 5.91 3.70
C ILE A 43 0.87 7.22 3.16
N ALA A 44 -0.28 7.13 2.48
CA ALA A 44 -0.97 8.34 1.98
C ALA A 44 -1.39 9.26 3.14
N ARG A 45 -2.10 8.71 4.10
CA ARG A 45 -2.53 9.45 5.30
C ARG A 45 -1.35 9.99 6.11
N TYR A 46 -0.34 9.14 6.31
CA TYR A 46 0.92 9.51 6.96
C TYR A 46 1.60 10.72 6.32
N LYS A 47 1.67 10.73 4.99
CA LYS A 47 2.33 11.81 4.25
C LYS A 47 1.53 13.12 4.28
N ARG A 48 0.20 13.02 4.20
CA ARG A 48 -0.67 14.19 4.39
C ARG A 48 -0.46 14.81 5.77
N MET A 49 -0.30 13.98 6.80
CA MET A 49 -0.03 14.45 8.17
C MET A 49 1.35 15.13 8.32
N GLN A 50 2.33 14.68 7.53
CA GLN A 50 3.65 15.32 7.45
C GLN A 50 3.66 16.67 6.69
N GLY A 51 2.58 16.97 5.98
CA GLY A 51 2.40 18.24 5.27
C GLY A 51 2.51 18.20 3.75
N TYR A 52 2.58 17.00 3.18
CA TYR A 52 2.75 16.85 1.74
C TYR A 52 1.41 16.99 1.00
N ASP A 53 1.50 17.47 -0.23
CA ASP A 53 0.39 17.45 -1.18
C ASP A 53 0.35 16.03 -1.76
N VAL A 54 -0.51 15.18 -1.19
CA VAL A 54 -0.55 13.76 -1.53
C VAL A 54 -1.57 13.47 -2.64
N ARG A 55 -1.16 12.61 -3.58
CA ARG A 55 -2.09 11.93 -4.48
C ARG A 55 -1.87 10.43 -4.33
N TYR A 56 -2.97 9.69 -4.20
CA TYR A 56 -2.94 8.24 -4.00
C TYR A 56 -3.85 7.60 -5.03
N LEU A 57 -3.27 6.78 -5.91
CA LEU A 57 -3.99 6.14 -7.01
C LEU A 57 -4.12 4.64 -6.79
N THR A 58 -5.29 4.11 -7.14
CA THR A 58 -5.50 2.66 -7.28
C THR A 58 -6.43 2.44 -8.47
N GLY A 59 -6.67 1.17 -8.83
CA GLY A 59 -7.55 0.89 -9.96
C GLY A 59 -7.69 -0.56 -10.36
N THR A 60 -8.04 -0.79 -11.64
CA THR A 60 -8.29 -2.14 -12.15
C THR A 60 -7.73 -2.38 -13.56
N ASP A 61 -7.05 -3.51 -13.71
CA ASP A 61 -6.57 -4.01 -15.00
C ASP A 61 -7.71 -4.84 -15.63
N GLU A 62 -8.43 -4.21 -16.56
CA GLU A 62 -9.68 -4.77 -17.08
C GLU A 62 -9.61 -5.39 -18.48
N HIS A 63 -8.41 -5.46 -19.08
CA HIS A 63 -8.24 -6.05 -20.41
C HIS A 63 -7.59 -7.43 -20.33
N GLY A 64 -7.71 -8.18 -21.42
CA GLY A 64 -7.11 -9.53 -21.53
C GLY A 64 -8.11 -10.61 -21.85
N GLN A 65 -7.59 -11.80 -22.17
CA GLN A 65 -8.40 -12.96 -22.55
C GLN A 65 -9.26 -13.48 -21.40
N LYS A 66 -8.67 -13.53 -20.20
CA LYS A 66 -9.37 -13.99 -18.99
C LYS A 66 -10.65 -13.20 -18.71
N ILE A 67 -10.58 -11.87 -18.81
CA ILE A 67 -11.73 -11.00 -18.57
C ILE A 67 -12.84 -11.28 -19.60
N GLN A 68 -12.46 -11.40 -20.87
CA GLN A 68 -13.38 -11.77 -21.95
C GLN A 68 -14.05 -13.11 -21.64
N GLU A 69 -13.25 -14.10 -21.24
CA GLU A 69 -13.75 -15.42 -20.84
C GLU A 69 -14.72 -15.36 -19.66
N LYS A 70 -14.32 -14.64 -18.62
CA LYS A 70 -15.14 -14.47 -17.40
C LYS A 70 -16.48 -13.77 -17.64
N ALA A 71 -16.54 -12.83 -18.58
CA ALA A 71 -17.78 -12.12 -18.91
C ALA A 71 -18.85 -13.02 -19.52
N GLN A 72 -18.42 -13.96 -20.38
CA GLN A 72 -19.34 -14.92 -21.02
C GLN A 72 -19.90 -15.90 -19.98
N LYS A 73 -19.10 -16.19 -18.96
CA LYS A 73 -19.51 -17.04 -17.84
C LYS A 73 -20.54 -16.36 -16.94
N ALA A 74 -20.44 -15.04 -16.80
CA ALA A 74 -21.45 -14.23 -16.10
C ALA A 74 -22.79 -14.14 -16.86
N GLY A 75 -22.78 -14.41 -18.17
CA GLY A 75 -23.97 -14.28 -19.02
C GLY A 75 -24.19 -12.81 -19.33
N LYS A 76 -23.07 -12.13 -19.63
CA LYS A 76 -23.01 -10.67 -19.58
C LYS A 76 -21.92 -10.17 -20.54
N THR A 77 -22.00 -8.90 -20.93
CA THR A 77 -20.96 -8.28 -21.74
C THR A 77 -19.74 -8.03 -20.86
N GLU A 78 -18.58 -7.84 -21.50
CA GLU A 78 -17.34 -7.58 -20.77
C GLU A 78 -17.48 -6.39 -19.83
N ILE A 79 -18.03 -5.29 -20.34
CA ILE A 79 -18.16 -4.05 -19.57
C ILE A 79 -19.18 -4.17 -18.42
N GLU A 80 -20.25 -4.94 -18.64
CA GLU A 80 -21.28 -5.16 -17.60
C GLU A 80 -20.78 -6.08 -16.48
N TYR A 81 -20.04 -7.13 -16.83
CA TYR A 81 -19.33 -7.95 -15.84
C TYR A 81 -18.32 -7.09 -15.07
N LEU A 82 -17.52 -6.32 -15.83
CA LEU A 82 -16.49 -5.46 -15.24
C LEU A 82 -17.09 -4.42 -14.29
N ASP A 83 -18.10 -3.68 -14.77
CA ASP A 83 -18.84 -2.70 -13.94
C ASP A 83 -19.35 -3.29 -12.63
N GLU A 84 -19.84 -4.53 -12.68
CA GLU A 84 -20.34 -5.25 -11.52
C GLU A 84 -19.21 -5.59 -10.54
N MET A 85 -18.10 -6.11 -11.07
CA MET A 85 -16.90 -6.38 -10.27
C MET A 85 -16.25 -5.10 -9.71
N ILE A 86 -16.16 -4.05 -10.53
CA ILE A 86 -15.56 -2.77 -10.10
C ILE A 86 -16.38 -2.09 -8.99
N ALA A 87 -17.70 -2.19 -9.09
CA ALA A 87 -18.58 -1.73 -8.01
C ALA A 87 -18.22 -2.40 -6.69
N GLY A 88 -18.13 -3.71 -6.62
CA GLY A 88 -17.72 -4.38 -5.41
C GLY A 88 -16.31 -4.13 -4.89
N ILE A 89 -15.40 -3.76 -5.77
CA ILE A 89 -14.05 -3.43 -5.42
C ILE A 89 -14.11 -2.06 -4.81
N LYS A 90 -14.85 -1.18 -5.43
CA LYS A 90 -15.03 0.18 -4.99
C LYS A 90 -15.80 0.26 -3.69
N GLN A 91 -16.72 -0.66 -3.49
CA GLN A 91 -17.44 -0.76 -2.29
C GLN A 91 -16.54 -1.26 -1.19
N LEU A 92 -15.58 -2.11 -1.50
CA LEU A 92 -14.66 -2.57 -0.52
C LEU A 92 -13.73 -1.47 -0.08
N TRP A 93 -13.34 -0.58 -0.95
CA TRP A 93 -12.48 0.51 -0.56
C TRP A 93 -13.23 1.49 0.30
N ALA A 94 -14.47 1.72 0.01
CA ALA A 94 -15.32 2.55 0.86
C ALA A 94 -15.44 1.96 2.28
N LYS A 95 -15.62 0.65 2.37
CA LYS A 95 -15.67 -0.04 3.67
C LYS A 95 -14.33 0.01 4.42
N LEU A 96 -13.23 -0.14 3.69
CA LEU A 96 -11.89 -0.02 4.27
C LEU A 96 -11.44 1.43 4.50
N GLU A 97 -12.25 2.40 4.07
CA GLU A 97 -11.99 3.84 4.22
C GLU A 97 -10.66 4.24 3.58
N ILE A 98 -10.49 3.80 2.33
CA ILE A 98 -9.28 4.07 1.57
C ILE A 98 -9.41 5.50 1.06
N SER A 99 -8.38 6.31 1.31
CA SER A 99 -8.36 7.72 0.93
C SER A 99 -7.64 7.92 -0.42
N ASN A 100 -7.96 7.04 -1.38
CA ASN A 100 -7.45 7.17 -2.75
C ASN A 100 -8.13 8.38 -3.41
N ASP A 101 -7.35 9.16 -4.14
CA ASP A 101 -7.83 10.38 -4.78
C ASP A 101 -8.47 10.11 -6.14
N ASP A 102 -8.20 8.93 -6.71
CA ASP A 102 -8.71 8.56 -8.02
C ASP A 102 -8.76 7.03 -8.14
N PHE A 103 -9.59 6.54 -9.05
CA PHE A 103 -9.70 5.12 -9.36
C PHE A 103 -9.63 4.98 -10.88
N ILE A 104 -8.46 4.55 -11.37
CA ILE A 104 -8.22 4.40 -12.83
C ILE A 104 -8.71 3.04 -13.32
N ARG A 105 -9.55 3.05 -14.36
CA ARG A 105 -10.02 1.84 -15.02
C ARG A 105 -9.47 1.85 -16.43
N THR A 106 -8.81 0.76 -16.85
CA THR A 106 -8.18 0.72 -18.17
C THR A 106 -9.16 0.73 -19.35
N THR A 107 -10.42 0.38 -19.07
CA THR A 107 -11.51 0.53 -20.04
C THR A 107 -11.95 1.99 -20.27
N GLU A 108 -11.52 2.92 -19.40
CA GLU A 108 -11.82 4.35 -19.59
C GLU A 108 -10.97 4.95 -20.72
N GLU A 109 -11.58 5.84 -21.50
CA GLU A 109 -10.91 6.44 -22.66
C GLU A 109 -9.72 7.32 -22.29
N ARG A 110 -9.75 7.92 -21.09
CA ARG A 110 -8.61 8.70 -20.57
C ARG A 110 -7.36 7.84 -20.38
N HIS A 111 -7.55 6.54 -20.19
CA HIS A 111 -6.45 5.58 -20.21
C HIS A 111 -6.13 5.10 -21.63
N LYS A 112 -7.16 4.65 -22.36
CA LYS A 112 -6.98 4.02 -23.68
C LYS A 112 -6.34 4.92 -24.73
N HIS A 113 -6.69 6.20 -24.71
CA HIS A 113 -6.06 7.19 -25.59
C HIS A 113 -4.55 7.34 -25.31
N VAL A 114 -4.14 7.20 -24.04
CA VAL A 114 -2.72 7.29 -23.65
C VAL A 114 -1.94 6.07 -24.12
N VAL A 115 -2.52 4.89 -23.94
CA VAL A 115 -1.93 3.63 -24.40
C VAL A 115 -1.78 3.63 -25.93
N GLU A 116 -2.82 4.14 -26.61
CA GLU A 116 -2.81 4.29 -28.07
C GLU A 116 -1.72 5.22 -28.57
N GLN A 117 -1.67 6.44 -28.03
CA GLN A 117 -0.64 7.42 -28.43
C GLN A 117 0.77 6.92 -28.09
N VAL A 118 0.94 6.31 -26.91
CA VAL A 118 2.22 5.68 -26.54
C VAL A 118 2.62 4.61 -27.56
N PHE A 119 1.70 3.73 -27.90
CA PHE A 119 2.00 2.62 -28.83
C PHE A 119 2.36 3.15 -30.22
N GLU A 120 1.60 4.12 -30.72
CA GLU A 120 1.87 4.75 -32.01
C GLU A 120 3.20 5.51 -32.05
N ARG A 121 3.57 6.11 -30.92
CA ARG A 121 4.85 6.80 -30.78
C ARG A 121 6.04 5.83 -30.86
N LEU A 122 5.93 4.68 -30.19
CA LEU A 122 6.93 3.61 -30.29
C LEU A 122 7.04 3.04 -31.71
N LEU A 123 5.91 2.98 -32.44
CA LEU A 123 5.93 2.61 -33.86
C LEU A 123 6.70 3.60 -34.72
N LYS A 124 6.40 4.89 -34.55
CA LYS A 124 7.03 5.97 -35.33
C LYS A 124 8.51 6.14 -35.01
N GLN A 125 8.91 5.88 -33.77
CA GLN A 125 10.32 5.92 -33.35
C GLN A 125 11.13 4.68 -33.76
N GLY A 126 10.43 3.63 -34.21
CA GLY A 126 11.07 2.38 -34.61
C GLY A 126 11.36 1.44 -33.45
N ASP A 127 10.85 1.76 -32.26
CA ASP A 127 11.07 0.94 -31.06
C ASP A 127 10.38 -0.41 -31.15
N ILE A 128 9.22 -0.43 -31.82
CA ILE A 128 8.49 -1.68 -32.04
C ILE A 128 8.36 -1.98 -33.53
N TYR A 129 8.44 -3.28 -33.85
CA TYR A 129 8.34 -3.79 -35.23
C TYR A 129 7.42 -5.01 -35.25
N LEU A 130 6.77 -5.22 -36.39
CA LEU A 130 5.85 -6.35 -36.57
C LEU A 130 6.61 -7.66 -36.71
N GLY A 131 6.10 -8.73 -36.10
CA GLY A 131 6.67 -10.07 -36.22
C GLY A 131 5.71 -11.16 -35.81
N GLU A 132 6.26 -12.33 -35.49
CA GLU A 132 5.49 -13.47 -34.97
C GLU A 132 6.19 -14.06 -33.75
N TYR A 133 5.40 -14.36 -32.73
CA TYR A 133 5.88 -15.01 -31.51
C TYR A 133 5.47 -16.47 -31.55
N GLU A 134 6.45 -17.37 -31.50
CA GLU A 134 6.20 -18.82 -31.45
C GLU A 134 6.74 -19.37 -30.13
N GLY A 135 5.84 -19.47 -29.14
CA GLY A 135 6.19 -19.91 -27.78
C GLY A 135 5.39 -21.13 -27.35
N TRP A 136 6.02 -21.95 -26.50
CA TRP A 136 5.38 -23.13 -25.93
C TRP A 136 4.80 -22.78 -24.58
N TYR A 137 3.49 -22.99 -24.43
CA TYR A 137 2.77 -22.63 -23.20
C TYR A 137 2.37 -23.87 -22.41
N SER A 138 2.56 -23.80 -21.10
CA SER A 138 2.12 -24.84 -20.17
C SER A 138 0.80 -24.41 -19.54
N VAL A 139 -0.22 -25.27 -19.64
CA VAL A 139 -1.52 -25.01 -19.00
C VAL A 139 -1.40 -24.93 -17.46
N PRO A 140 -0.65 -25.87 -16.83
CA PRO A 140 -0.41 -25.75 -15.38
C PRO A 140 0.51 -24.60 -14.97
N ASP A 141 1.76 -24.61 -15.45
CA ASP A 141 2.78 -23.64 -15.00
C ASP A 141 2.42 -22.18 -15.27
N GLU A 142 1.78 -21.94 -16.42
CA GLU A 142 1.54 -20.58 -16.92
C GLU A 142 2.89 -19.90 -17.17
N THR A 143 3.73 -20.56 -17.97
CA THR A 143 5.06 -20.05 -18.32
C THR A 143 5.36 -20.39 -19.78
N TYR A 144 6.10 -19.50 -20.44
CA TYR A 144 6.48 -19.66 -21.85
C TYR A 144 7.87 -20.30 -21.95
N TYR A 145 7.95 -21.47 -22.56
CA TYR A 145 9.24 -22.15 -22.77
C TYR A 145 9.64 -22.12 -24.24
N THR A 146 10.94 -22.29 -24.46
CA THR A 146 11.56 -22.28 -25.79
C THR A 146 11.94 -23.71 -26.20
N GLU A 147 11.88 -23.98 -27.51
CA GLU A 147 12.19 -25.28 -28.12
C GLU A 147 13.32 -26.08 -27.42
N SER A 148 14.45 -25.43 -27.19
CA SER A 148 15.64 -26.09 -26.60
C SER A 148 15.50 -26.47 -25.11
N GLN A 149 14.68 -25.74 -24.35
CA GLN A 149 14.48 -26.03 -22.92
C GLN A 149 13.25 -26.90 -22.60
N LEU A 150 12.65 -27.52 -23.62
CA LEU A 150 11.62 -28.55 -23.40
C LEU A 150 12.26 -29.88 -23.06
N VAL A 151 11.55 -30.68 -22.26
CA VAL A 151 12.01 -32.01 -21.85
C VAL A 151 11.29 -33.07 -22.68
N ASP A 152 12.06 -34.05 -23.18
CA ASP A 152 11.56 -35.12 -24.06
C ASP A 152 10.74 -34.58 -25.26
N PRO A 153 11.40 -33.76 -26.11
CA PRO A 153 10.71 -33.21 -27.29
C PRO A 153 10.58 -34.24 -28.41
N GLN A 154 9.47 -34.19 -29.16
CA GLN A 154 9.26 -35.05 -30.33
C GLN A 154 9.10 -34.18 -31.58
N LYS A 159 10.65 -29.69 -36.99
CA LYS A 159 11.39 -30.72 -36.26
C LYS A 159 10.78 -30.94 -34.87
N ILE A 160 10.88 -29.93 -34.01
CA ILE A 160 10.30 -29.99 -32.66
C ILE A 160 8.83 -29.60 -32.73
N ILE A 161 7.95 -30.58 -32.48
CA ILE A 161 6.50 -30.43 -32.70
C ILE A 161 5.67 -30.73 -31.45
N GLY A 162 6.27 -30.57 -30.27
CA GLY A 162 5.66 -30.93 -28.99
C GLY A 162 6.70 -31.31 -27.96
N GLY A 163 6.29 -31.36 -26.70
CA GLY A 163 7.19 -31.70 -25.61
C GLY A 163 6.55 -31.66 -24.25
N LYS A 164 7.39 -31.56 -23.21
CA LYS A 164 6.96 -31.59 -21.82
C LYS A 164 7.76 -30.56 -21.01
N SER A 165 7.07 -29.85 -20.11
CA SER A 165 7.63 -28.74 -19.34
C SER A 165 8.75 -29.20 -18.40
N PRO A 166 9.83 -28.41 -18.27
CA PRO A 166 10.91 -28.77 -17.34
C PRO A 166 10.55 -28.53 -15.87
N ASP A 167 9.52 -27.71 -15.62
CA ASP A 167 9.04 -27.45 -14.26
C ASP A 167 8.01 -28.50 -13.84
N SER A 168 6.86 -28.53 -14.52
CA SER A 168 5.72 -29.38 -14.11
C SER A 168 5.78 -30.83 -14.59
N GLY A 169 6.48 -31.09 -15.69
CA GLY A 169 6.39 -32.38 -16.37
C GLY A 169 5.08 -32.58 -17.11
N HIS A 170 4.40 -31.48 -17.46
CA HIS A 170 3.13 -31.51 -18.17
C HIS A 170 3.35 -31.06 -19.61
N GLU A 171 2.58 -31.61 -20.53
CA GLU A 171 2.76 -31.35 -21.95
C GLU A 171 2.35 -29.93 -22.33
N VAL A 172 3.04 -29.39 -23.33
CA VAL A 172 2.86 -27.99 -23.75
C VAL A 172 2.18 -27.91 -25.11
N GLU A 173 1.49 -26.79 -25.34
CA GLU A 173 0.85 -26.49 -26.63
C GLU A 173 1.56 -25.33 -27.33
N LEU A 174 1.62 -25.42 -28.66
CA LEU A 174 2.24 -24.39 -29.49
C LEU A 174 1.38 -23.13 -29.53
N VAL A 175 1.87 -22.07 -28.89
CA VAL A 175 1.24 -20.74 -28.97
C VAL A 175 1.95 -19.94 -30.05
N LYS A 176 1.25 -19.69 -31.17
CA LYS A 176 1.83 -19.02 -32.33
C LYS A 176 0.89 -17.92 -32.83
N GLU A 177 1.37 -16.68 -32.83
CA GLU A 177 0.55 -15.54 -33.25
C GLU A 177 1.38 -14.30 -33.56
N GLU A 178 0.74 -13.36 -34.26
CA GLU A 178 1.40 -12.14 -34.72
C GLU A 178 1.53 -11.17 -33.55
N SER A 179 2.64 -10.46 -33.50
CA SER A 179 2.94 -9.60 -32.36
C SER A 179 3.91 -8.49 -32.73
N TYR A 180 3.77 -7.35 -32.06
CA TYR A 180 4.76 -6.29 -32.12
C TYR A 180 5.83 -6.57 -31.06
N PHE A 181 7.09 -6.33 -31.41
CA PHE A 181 8.22 -6.62 -30.54
C PHE A 181 8.96 -5.33 -30.21
N PHE A 182 9.25 -5.14 -28.92
CA PHE A 182 9.85 -3.92 -28.39
C PHE A 182 11.36 -4.16 -28.18
N ASN A 183 12.18 -3.35 -28.83
CA ASN A 183 13.63 -3.42 -28.67
C ASN A 183 14.03 -2.71 -27.37
N ILE A 184 14.08 -3.50 -26.30
CA ILE A 184 14.40 -2.99 -24.96
C ILE A 184 15.89 -3.04 -24.61
N SER A 185 16.66 -3.90 -25.29
CA SER A 185 18.09 -4.09 -24.97
C SER A 185 18.98 -2.87 -25.25
N LYS A 186 18.55 -1.97 -26.13
CA LYS A 186 19.30 -0.74 -26.40
C LYS A 186 19.30 0.26 -25.22
N TYR A 187 18.32 0.15 -24.32
CA TYR A 187 18.29 0.97 -23.10
C TYR A 187 19.04 0.35 -21.90
N THR A 188 19.76 -0.74 -22.14
CA THR A 188 20.44 -1.53 -21.09
C THR A 188 21.48 -0.73 -20.30
N ASP A 189 22.30 0.06 -20.97
CA ASP A 189 23.32 0.89 -20.31
C ASP A 189 22.66 1.93 -19.41
N ARG A 190 21.63 2.59 -19.92
CA ARG A 190 20.86 3.57 -19.15
C ARG A 190 20.16 2.96 -17.92
N LEU A 191 19.66 1.72 -18.06
CA LEU A 191 19.03 1.01 -16.94
C LEU A 191 20.05 0.65 -15.87
N LEU A 192 21.16 0.05 -16.27
CA LEU A 192 22.19 -0.37 -15.33
C LEU A 192 22.80 0.81 -14.56
N GLU A 193 22.95 1.97 -15.19
CA GLU A 193 23.46 3.16 -14.52
C GLU A 193 22.38 3.85 -13.66
N PHE A 194 21.11 3.67 -14.00
CA PHE A 194 19.99 4.09 -13.12
C PHE A 194 20.01 3.30 -11.81
N TYR A 195 20.24 1.99 -11.89
CA TYR A 195 20.41 1.15 -10.70
C TYR A 195 21.63 1.55 -9.87
N ASP A 196 22.71 1.94 -10.53
CA ASP A 196 23.91 2.44 -9.84
C ASP A 196 23.66 3.82 -9.20
N GLN A 197 22.92 4.68 -9.89
CA GLN A 197 22.52 5.99 -9.34
C GLN A 197 21.46 5.92 -8.23
N ASN A 198 20.61 4.88 -8.27
CA ASN A 198 19.60 4.61 -7.24
C ASN A 198 19.77 3.20 -6.68
N PRO A 199 20.77 2.98 -5.80
CA PRO A 199 21.01 1.64 -5.25
C PRO A 199 19.81 1.05 -4.48
N ASP A 200 19.04 1.90 -3.81
CA ASP A 200 17.88 1.46 -3.01
C ASP A 200 16.54 1.72 -3.71
N PHE A 201 16.52 1.52 -5.03
CA PHE A 201 15.31 1.71 -5.84
C PHE A 201 14.27 0.65 -5.49
N ILE A 202 14.71 -0.60 -5.34
CA ILE A 202 13.84 -1.70 -4.93
C ILE A 202 13.91 -1.88 -3.43
N GLN A 203 12.74 -1.76 -2.78
CA GLN A 203 12.63 -1.87 -1.32
C GLN A 203 11.53 -2.88 -0.95
N PRO A 204 11.67 -3.58 0.19
CA PRO A 204 12.91 -3.63 0.98
C PRO A 204 14.00 -4.41 0.23
N PRO A 205 15.27 -4.31 0.66
CA PRO A 205 16.41 -4.95 -0.01
C PRO A 205 16.16 -6.37 -0.50
N SER A 206 15.48 -7.19 0.31
CA SER A 206 15.17 -8.59 -0.04
C SER A 206 14.38 -8.78 -1.33
N ARG A 207 13.62 -7.76 -1.73
CA ARG A 207 12.86 -7.80 -2.99
C ARG A 207 13.73 -7.68 -4.25
N LYS A 208 15.00 -7.31 -4.07
CA LYS A 208 16.01 -7.44 -5.14
C LYS A 208 16.31 -8.90 -5.48
N ASN A 209 15.96 -9.85 -4.62
CA ASN A 209 16.11 -11.28 -4.92
C ASN A 209 15.17 -11.75 -6.05
N GLU A 210 14.08 -11.01 -6.28
CA GLU A 210 13.23 -11.22 -7.47
C GLU A 210 13.90 -10.77 -8.79
N MET A 211 14.96 -9.95 -8.70
CA MET A 211 15.78 -9.55 -9.87
C MET A 211 16.81 -10.60 -10.35
N ILE A 212 16.91 -11.74 -9.66
CA ILE A 212 17.82 -12.81 -10.08
C ILE A 212 17.29 -13.39 -11.41
N ASN A 213 18.21 -13.72 -12.31
CA ASN A 213 17.91 -14.16 -13.69
C ASN A 213 17.20 -13.07 -14.50
N ASN A 214 17.66 -11.82 -14.37
CA ASN A 214 17.09 -10.70 -15.16
C ASN A 214 17.53 -10.70 -16.63
N PHE A 215 18.74 -11.19 -16.88
CA PHE A 215 19.35 -11.25 -18.22
C PHE A 215 19.47 -9.88 -18.91
N ILE A 216 19.82 -8.88 -18.12
CA ILE A 216 20.11 -7.54 -18.61
C ILE A 216 21.52 -7.55 -19.23
N LYS A 217 22.46 -8.21 -18.56
CA LYS A 217 23.83 -8.38 -19.06
C LYS A 217 23.94 -9.24 -20.33
N PRO A 218 23.50 -10.53 -20.29
CA PRO A 218 23.63 -11.39 -21.48
C PRO A 218 22.77 -11.00 -22.70
N GLY A 219 21.68 -10.26 -22.49
CA GLY A 219 20.86 -9.74 -23.59
C GLY A 219 19.38 -9.93 -23.38
N LEU A 220 18.67 -8.83 -23.12
CA LEU A 220 17.21 -8.84 -23.05
C LEU A 220 16.68 -8.99 -24.47
N ALA A 221 16.01 -10.12 -24.74
CA ALA A 221 15.40 -10.35 -26.05
C ALA A 221 14.25 -9.36 -26.24
N ASP A 222 13.86 -9.13 -27.49
CA ASP A 222 12.81 -8.17 -27.78
C ASP A 222 11.49 -8.66 -27.17
N LEU A 223 10.78 -7.74 -26.51
CA LEU A 223 9.61 -8.07 -25.71
C LEU A 223 8.35 -8.01 -26.58
N ALA A 224 7.54 -9.06 -26.52
CA ALA A 224 6.27 -9.11 -27.28
C ALA A 224 5.22 -8.26 -26.56
N VAL A 225 4.77 -7.19 -27.22
CA VAL A 225 3.94 -6.16 -26.59
C VAL A 225 2.50 -6.06 -27.13
N SER A 226 2.12 -6.96 -28.04
CA SER A 226 0.75 -7.02 -28.54
C SER A 226 0.38 -8.46 -28.87
N ARG A 227 -0.90 -8.79 -28.76
CA ARG A 227 -1.42 -10.09 -29.19
C ARG A 227 -2.49 -9.93 -30.26
N THR A 228 -2.63 -10.97 -31.08
CA THR A 228 -3.58 -11.02 -32.19
C THR A 228 -4.71 -12.04 -31.94
N SER A 229 -4.54 -12.93 -30.96
CA SER A 229 -5.45 -14.06 -30.73
C SER A 229 -6.73 -13.72 -29.92
N PHE A 230 -6.84 -12.49 -29.43
CA PHE A 230 -8.06 -12.02 -28.75
C PHE A 230 -8.28 -10.53 -29.02
N ASN A 231 -9.53 -10.09 -28.88
CA ASN A 231 -9.93 -8.72 -29.22
C ASN A 231 -10.40 -7.84 -28.05
N TRP A 232 -10.35 -8.36 -26.82
CA TRP A 232 -10.67 -7.53 -25.65
C TRP A 232 -9.45 -6.78 -25.09
N GLY A 233 -9.24 -5.58 -25.63
CA GLY A 233 -8.22 -4.66 -25.11
C GLY A 233 -8.09 -3.41 -25.95
N VAL A 234 -7.03 -2.66 -25.69
CA VAL A 234 -6.73 -1.43 -26.42
C VAL A 234 -6.21 -1.81 -27.81
N HIS A 235 -7.00 -1.50 -28.85
CA HIS A 235 -6.57 -1.77 -30.23
C HIS A 235 -5.49 -0.78 -30.69
N VAL A 236 -4.53 -1.29 -31.46
CA VAL A 236 -3.44 -0.48 -32.00
C VAL A 236 -4.02 0.34 -33.15
N PRO A 237 -4.04 1.68 -33.03
CA PRO A 237 -4.73 2.50 -34.05
C PRO A 237 -4.32 2.29 -35.52
N SER A 238 -3.03 2.06 -35.76
CA SER A 238 -2.55 1.84 -37.14
C SER A 238 -2.63 0.37 -37.60
N ASN A 239 -2.93 -0.57 -36.69
CA ASN A 239 -3.16 -1.97 -37.06
C ASN A 239 -4.15 -2.62 -36.06
N PRO A 240 -5.45 -2.28 -36.15
CA PRO A 240 -6.51 -2.69 -35.20
C PRO A 240 -6.67 -4.19 -34.94
N LYS A 241 -6.17 -5.02 -35.86
CA LYS A 241 -6.03 -6.48 -35.64
C LYS A 241 -5.26 -6.80 -34.35
N HIS A 242 -4.26 -5.99 -34.02
CA HIS A 242 -3.49 -6.14 -32.79
C HIS A 242 -4.18 -5.45 -31.61
N VAL A 243 -4.11 -6.09 -30.46
CA VAL A 243 -4.51 -5.51 -29.18
C VAL A 243 -3.22 -5.33 -28.38
N VAL A 244 -3.11 -4.20 -27.70
CA VAL A 244 -1.93 -3.90 -26.88
C VAL A 244 -1.95 -4.81 -25.66
N TYR A 245 -0.82 -5.46 -25.40
CA TYR A 245 -0.73 -6.48 -24.36
C TYR A 245 -0.54 -5.85 -22.98
N VAL A 246 -0.93 -6.59 -21.95
CA VAL A 246 -0.86 -6.15 -20.54
C VAL A 246 0.41 -5.40 -20.12
N TRP A 247 1.57 -5.80 -20.67
CA TRP A 247 2.83 -5.14 -20.33
C TRP A 247 2.68 -3.62 -20.32
N ILE A 248 2.33 -3.06 -21.48
CA ILE A 248 2.28 -1.58 -21.64
C ILE A 248 0.92 -1.04 -21.17
N ASP A 249 -0.16 -1.74 -21.51
CA ASP A 249 -1.52 -1.33 -21.11
C ASP A 249 -1.61 -1.03 -19.60
N ALA A 250 -1.26 -2.01 -18.77
CA ALA A 250 -1.42 -1.90 -17.31
C ALA A 250 -0.50 -0.86 -16.67
N LEU A 251 0.77 -0.84 -17.09
CA LEU A 251 1.77 0.07 -16.52
C LEU A 251 1.49 1.55 -16.83
N VAL A 252 0.91 1.82 -17.99
CA VAL A 252 0.53 3.18 -18.40
C VAL A 252 -0.46 3.85 -17.42
N ASN A 253 -1.24 3.06 -16.67
CA ASN A 253 -2.20 3.58 -15.67
C ASN A 253 -1.63 4.64 -14.72
N TYR A 254 -0.37 4.45 -14.33
CA TYR A 254 0.30 5.35 -13.39
C TYR A 254 0.48 6.77 -13.93
N ILE A 255 0.60 6.90 -15.25
CA ILE A 255 0.73 8.20 -15.92
C ILE A 255 -0.56 8.66 -16.64
N SER A 256 -1.38 7.71 -17.09
CA SER A 256 -2.63 8.04 -17.80
C SER A 256 -3.69 8.65 -16.89
N ALA A 257 -3.80 8.15 -15.66
CA ALA A 257 -4.70 8.74 -14.64
C ALA A 257 -4.33 10.18 -14.27
N LEU A 258 -3.06 10.55 -14.45
CA LEU A 258 -2.61 11.93 -14.27
C LEU A 258 -2.81 12.84 -15.50
N GLY A 259 -3.40 12.32 -16.58
CA GLY A 259 -3.69 13.10 -17.78
C GLY A 259 -2.48 13.38 -18.65
N TYR A 260 -1.55 12.42 -18.71
CA TYR A 260 -0.40 12.49 -19.61
C TYR A 260 -0.87 12.37 -21.06
N LEU A 261 -0.31 13.21 -21.93
CA LEU A 261 -0.72 13.38 -23.34
C LEU A 261 -2.15 13.91 -23.56
N SER A 262 -2.76 14.49 -22.53
CA SER A 262 -4.07 15.12 -22.67
C SER A 262 -3.89 16.63 -22.82
N ASP A 263 -5.01 17.34 -22.98
CA ASP A 263 -5.01 18.81 -23.06
C ASP A 263 -4.74 19.50 -21.69
N ASP A 264 -4.88 18.76 -20.60
CA ASP A 264 -4.49 19.24 -19.27
C ASP A 264 -3.53 18.24 -18.61
N GLU A 265 -2.26 18.60 -18.52
CA GLU A 265 -1.21 17.74 -17.93
C GLU A 265 -0.78 18.19 -16.52
N SER A 266 -1.63 18.95 -15.84
CA SER A 266 -1.27 19.58 -14.57
C SER A 266 -0.98 18.56 -13.46
N LEU A 267 -1.84 17.53 -13.35
CA LEU A 267 -1.59 16.43 -12.40
C LEU A 267 -0.29 15.70 -12.70
N PHE A 268 -0.03 15.40 -13.96
CA PHE A 268 1.21 14.72 -14.37
C PHE A 268 2.47 15.50 -14.00
N ASN A 269 2.50 16.77 -14.37
CA ASN A 269 3.66 17.63 -14.11
C ASN A 269 3.79 18.02 -12.63
N LYS A 270 2.72 17.83 -11.87
CA LYS A 270 2.74 18.01 -10.42
C LYS A 270 3.18 16.73 -9.67
N TYR A 271 2.69 15.56 -10.10
CA TYR A 271 2.86 14.32 -9.34
C TYR A 271 3.85 13.29 -9.93
N TRP A 272 4.14 13.36 -11.23
CA TRP A 272 5.17 12.48 -11.83
C TRP A 272 6.54 13.16 -11.73
N PRO A 273 7.61 12.47 -11.31
CA PRO A 273 7.67 11.01 -11.07
C PRO A 273 7.09 10.52 -9.74
N ALA A 274 6.66 9.26 -9.72
CA ALA A 274 6.06 8.65 -8.53
C ALA A 274 7.11 8.38 -7.49
N ASP A 275 6.75 8.60 -6.23
CA ASP A 275 7.66 8.44 -5.10
C ASP A 275 7.74 6.99 -4.70
N ILE A 276 6.58 6.34 -4.62
CA ILE A 276 6.47 4.92 -4.32
C ILE A 276 5.52 4.28 -5.32
N HIS A 277 5.96 3.21 -5.98
CA HIS A 277 5.04 2.23 -6.55
C HIS A 277 4.99 1.08 -5.56
N LEU A 278 3.82 0.86 -4.96
CA LEU A 278 3.62 -0.24 -4.02
C LEU A 278 3.11 -1.44 -4.77
N MET A 279 3.58 -2.64 -4.41
CA MET A 279 3.12 -3.88 -5.07
C MET A 279 3.41 -5.15 -4.25
N ALA A 280 2.91 -6.28 -4.75
CA ALA A 280 3.31 -7.58 -4.26
C ALA A 280 4.59 -8.00 -5.01
N LYS A 281 5.31 -8.97 -4.45
CA LYS A 281 6.67 -9.31 -4.90
C LYS A 281 6.82 -9.89 -6.32
N GLU A 282 5.78 -10.55 -6.82
CA GLU A 282 5.86 -11.23 -8.14
C GLU A 282 5.77 -10.29 -9.36
N ILE A 283 5.49 -9.00 -9.15
CA ILE A 283 5.45 -8.02 -10.24
C ILE A 283 6.53 -6.93 -10.12
N VAL A 284 7.60 -7.23 -9.38
CA VAL A 284 8.74 -6.32 -9.22
C VAL A 284 9.51 -6.15 -10.54
N ARG A 285 9.68 -7.23 -11.30
CA ARG A 285 10.39 -7.19 -12.59
C ARG A 285 9.64 -6.34 -13.62
N PHE A 286 8.32 -6.58 -13.70
CA PHE A 286 7.34 -5.69 -14.35
C PHE A 286 7.70 -4.20 -14.16
N HIS A 287 7.84 -3.80 -12.89
CA HIS A 287 8.02 -2.39 -12.51
C HIS A 287 9.46 -1.88 -12.46
N SER A 288 10.44 -2.78 -12.35
CA SER A 288 11.86 -2.39 -12.26
C SER A 288 12.66 -2.56 -13.55
N ILE A 289 12.17 -3.39 -14.48
CA ILE A 289 12.86 -3.60 -15.77
C ILE A 289 12.06 -3.01 -16.94
N ILE A 290 10.82 -3.48 -17.12
CA ILE A 290 9.99 -3.08 -18.27
C ILE A 290 9.50 -1.64 -18.15
N TRP A 291 9.04 -1.26 -16.95
CA TRP A 291 8.44 0.06 -16.74
C TRP A 291 9.42 1.22 -16.91
N PRO A 292 10.66 1.10 -16.38
CA PRO A 292 11.65 2.15 -16.62
C PRO A 292 12.13 2.25 -18.08
N ILE A 293 12.28 1.10 -18.74
CA ILE A 293 12.64 1.06 -20.17
C ILE A 293 11.57 1.74 -21.03
N LEU A 294 10.29 1.50 -20.71
CA LEU A 294 9.19 2.18 -21.40
C LEU A 294 9.22 3.70 -21.17
N LEU A 295 9.53 4.11 -19.94
CA LEU A 295 9.64 5.53 -19.60
C LEU A 295 10.82 6.23 -20.29
N MET A 296 11.94 5.53 -20.43
CA MET A 296 13.09 6.03 -21.21
C MET A 296 12.75 6.21 -22.67
N ALA A 297 11.98 5.27 -23.22
CA ALA A 297 11.50 5.34 -24.60
C ALA A 297 10.56 6.53 -24.82
N LEU A 298 9.78 6.89 -23.79
CA LEU A 298 8.94 8.09 -23.80
C LEU A 298 9.66 9.35 -23.30
N ASP A 299 10.90 9.20 -22.84
CA ASP A 299 11.73 10.30 -22.32
C ASP A 299 11.05 10.99 -21.13
N LEU A 300 10.59 10.17 -20.18
CA LEU A 300 9.97 10.65 -18.95
C LEU A 300 10.86 10.26 -17.77
N PRO A 301 10.78 11.04 -16.66
CA PRO A 301 11.56 10.66 -15.49
C PRO A 301 11.07 9.36 -14.85
N LEU A 302 11.98 8.65 -14.20
CA LEU A 302 11.71 7.32 -13.66
C LEU A 302 11.16 7.43 -12.23
N PRO A 303 10.42 6.39 -11.78
CA PRO A 303 9.93 6.40 -10.40
C PRO A 303 11.08 6.31 -9.40
N LYS A 304 10.90 6.93 -8.24
CA LYS A 304 11.94 7.02 -7.21
C LYS A 304 12.13 5.71 -6.44
N LYS A 305 11.04 4.96 -6.22
CA LYS A 305 11.10 3.68 -5.49
C LYS A 305 9.98 2.71 -5.87
N VAL A 306 10.31 1.42 -5.94
CA VAL A 306 9.30 0.35 -5.92
C VAL A 306 9.36 -0.33 -4.55
N PHE A 307 8.23 -0.37 -3.86
CA PHE A 307 8.11 -1.06 -2.58
C PHE A 307 7.26 -2.30 -2.81
N ALA A 308 7.85 -3.48 -2.58
CA ALA A 308 7.16 -4.75 -2.79
C ALA A 308 6.95 -5.50 -1.48
N HIS A 309 5.72 -5.96 -1.24
CA HIS A 309 5.37 -6.76 -0.06
C HIS A 309 5.26 -8.25 -0.41
N GLY A 310 5.05 -9.08 0.61
CA GLY A 310 4.92 -10.54 0.46
C GLY A 310 3.48 -11.02 0.28
N TRP A 311 3.32 -12.34 0.25
CA TRP A 311 1.99 -12.97 0.19
C TRP A 311 1.49 -13.28 1.61
N ILE A 312 0.23 -13.73 1.69
CA ILE A 312 -0.40 -14.09 2.96
C ILE A 312 -0.82 -15.55 2.92
N VAL A 326 -8.17 -18.41 0.21
CA VAL A 326 -8.20 -16.97 0.03
C VAL A 326 -9.37 -16.35 0.82
N VAL A 327 -9.03 -15.55 1.83
CA VAL A 327 -10.02 -15.01 2.78
C VAL A 327 -10.66 -13.74 2.24
N ASP A 328 -11.98 -13.65 2.38
CA ASP A 328 -12.72 -12.44 2.02
C ASP A 328 -12.52 -11.39 3.13
N PRO A 329 -11.98 -10.20 2.78
CA PRO A 329 -11.85 -9.14 3.80
C PRO A 329 -13.19 -8.61 4.33
N ASN A 330 -14.24 -8.69 3.51
CA ASN A 330 -15.58 -8.24 3.90
C ASN A 330 -16.09 -8.91 5.18
N ILE A 331 -15.81 -10.20 5.33
CA ILE A 331 -16.24 -10.96 6.51
C ILE A 331 -15.52 -10.45 7.75
N LEU A 332 -14.23 -10.16 7.61
CA LEU A 332 -13.42 -9.60 8.70
C LEU A 332 -13.90 -8.20 9.14
N ILE A 333 -14.32 -7.37 8.17
CA ILE A 333 -14.84 -6.03 8.48
C ILE A 333 -16.23 -6.16 9.09
N ASP A 334 -17.08 -6.97 8.48
CA ASP A 334 -18.46 -7.20 8.96
C ASP A 334 -18.53 -7.72 10.40
N ARG A 335 -17.68 -8.69 10.73
CA ARG A 335 -17.73 -9.38 12.03
C ARG A 335 -17.04 -8.63 13.16
N TYR A 336 -15.83 -8.12 12.88
CA TYR A 336 -14.98 -7.51 13.93
C TYR A 336 -14.77 -5.99 13.81
N GLY A 337 -15.19 -5.39 12.70
CA GLY A 337 -15.04 -3.95 12.47
C GLY A 337 -13.82 -3.60 11.64
N LEU A 338 -13.73 -2.34 11.25
CA LEU A 338 -12.71 -1.83 10.34
C LEU A 338 -11.33 -1.74 10.99
N ASP A 339 -11.26 -1.10 12.15
CA ASP A 339 -10.00 -0.92 12.89
C ASP A 339 -9.31 -2.26 13.13
N ALA A 340 -10.09 -3.23 13.61
CA ALA A 340 -9.62 -4.61 13.81
C ALA A 340 -8.94 -5.19 12.57
N THR A 341 -9.59 -5.04 11.42
CA THR A 341 -9.07 -5.53 10.15
C THR A 341 -7.82 -4.75 9.70
N ARG A 342 -7.92 -3.42 9.68
CA ARG A 342 -6.79 -2.57 9.31
C ARG A 342 -5.56 -2.76 10.21
N TYR A 343 -5.79 -2.86 11.52
CA TYR A 343 -4.70 -3.08 12.48
C TYR A 343 -4.02 -4.42 12.23
N TYR A 344 -4.83 -5.48 12.23
CA TYR A 344 -4.33 -6.84 12.05
C TYR A 344 -3.48 -7.02 10.78
N LEU A 345 -3.95 -6.45 9.66
CA LEU A 345 -3.22 -6.54 8.40
C LEU A 345 -1.85 -5.88 8.48
N MET A 346 -1.79 -4.66 9.00
CA MET A 346 -0.52 -3.91 9.10
C MET A 346 0.38 -4.38 10.24
N ARG A 347 -0.20 -4.99 11.28
CA ARG A 347 0.56 -5.44 12.46
C ARG A 347 1.11 -6.84 12.28
N GLU A 348 0.22 -7.79 12.04
CA GLU A 348 0.58 -9.22 12.04
C GLU A 348 1.38 -9.65 10.82
N LEU A 349 1.18 -8.98 9.68
CA LEU A 349 1.72 -9.42 8.39
C LEU A 349 2.83 -8.46 7.93
N PRO A 350 4.11 -8.80 8.21
CA PRO A 350 5.18 -7.83 7.88
C PRO A 350 5.34 -7.59 6.38
N PHE A 351 5.79 -6.38 6.04
CA PHE A 351 5.95 -5.97 4.65
C PHE A 351 7.15 -6.67 4.00
N GLY A 352 8.26 -6.80 4.74
CA GLY A 352 9.45 -7.49 4.25
C GLY A 352 9.42 -9.02 4.29
N SER A 353 8.31 -9.62 4.72
CA SER A 353 8.16 -11.07 4.79
C SER A 353 6.80 -11.50 4.25
N ASP A 354 6.57 -12.81 4.24
CA ASP A 354 5.25 -13.38 3.95
C ASP A 354 4.52 -13.60 5.27
N GLY A 355 3.43 -12.88 5.48
CA GLY A 355 2.61 -13.01 6.67
C GLY A 355 1.72 -14.24 6.64
N VAL A 356 1.02 -14.47 7.74
CA VAL A 356 0.11 -15.62 7.89
C VAL A 356 -1.24 -15.15 8.43
N PHE A 357 -2.33 -15.54 7.77
CA PHE A 357 -3.66 -15.38 8.34
C PHE A 357 -4.04 -16.63 9.11
N THR A 358 -4.35 -16.44 10.38
CA THR A 358 -5.08 -17.42 11.16
C THR A 358 -6.11 -16.65 12.00
N PRO A 359 -7.34 -17.18 12.15
CA PRO A 359 -8.34 -16.48 12.96
C PRO A 359 -8.00 -16.36 14.46
N GLU A 360 -7.15 -17.25 14.97
CA GLU A 360 -6.70 -17.19 16.38
C GLU A 360 -5.89 -15.93 16.66
N ALA A 361 -4.92 -15.65 15.79
CA ALA A 361 -4.10 -14.45 15.91
C ALA A 361 -4.93 -13.17 15.70
N PHE A 362 -5.96 -13.26 14.84
CA PHE A 362 -6.86 -12.14 14.59
C PHE A 362 -7.62 -11.73 15.86
N VAL A 363 -8.26 -12.69 16.51
CA VAL A 363 -9.01 -12.42 17.77
C VAL A 363 -8.10 -11.88 18.88
N GLU A 364 -6.89 -12.42 18.98
CA GLU A 364 -5.92 -11.98 19.98
C GLU A 364 -5.42 -10.56 19.73
N ARG A 365 -5.14 -10.22 18.47
CA ARG A 365 -4.72 -8.85 18.12
C ARG A 365 -5.80 -7.80 18.39
N THR A 366 -7.06 -8.16 18.17
CA THR A 366 -8.17 -7.24 18.39
C THR A 366 -8.52 -7.14 19.89
N ASN A 367 -8.46 -8.26 20.61
CA ASN A 367 -8.73 -8.27 22.06
C ASN A 367 -7.56 -7.70 22.87
N PHE A 368 -6.37 -8.25 22.66
CA PHE A 368 -5.23 -7.96 23.56
C PHE A 368 -4.60 -6.60 23.28
N ASP A 369 -4.39 -6.28 22.01
CA ASP A 369 -3.75 -5.00 21.65
C ASP A 369 -4.75 -3.84 21.65
N LEU A 370 -5.81 -3.95 20.86
CA LEU A 370 -6.76 -2.83 20.70
C LEU A 370 -7.70 -2.67 21.92
N ALA A 371 -8.51 -3.68 22.19
CA ALA A 371 -9.52 -3.61 23.25
C ALA A 371 -8.93 -3.47 24.66
N ASN A 372 -7.86 -4.23 24.95
CA ASN A 372 -7.25 -4.22 26.27
C ASN A 372 -6.20 -3.13 26.44
N ASP A 373 -5.07 -3.26 25.75
CA ASP A 373 -3.95 -2.34 25.96
C ASP A 373 -4.31 -0.88 25.71
N LEU A 374 -4.86 -0.58 24.55
CA LEU A 374 -5.30 0.77 24.22
C LEU A 374 -6.61 1.12 24.92
N GLY A 375 -7.58 0.21 24.87
CA GLY A 375 -8.93 0.49 25.36
C GLY A 375 -9.06 0.60 26.87
N ASN A 376 -8.42 -0.31 27.61
CA ASN A 376 -8.44 -0.25 29.08
C ASN A 376 -7.69 0.98 29.57
N LEU A 377 -6.57 1.29 28.93
CA LEU A 377 -5.78 2.49 29.23
C LEU A 377 -6.66 3.73 29.20
N VAL A 378 -7.39 3.92 28.09
CA VAL A 378 -8.25 5.08 27.91
C VAL A 378 -9.31 5.11 29.03
N ASN A 379 -9.97 3.98 29.23
CA ASN A 379 -10.99 3.84 30.29
C ASN A 379 -10.42 4.11 31.69
N ARG A 380 -9.29 3.49 32.02
CA ARG A 380 -8.60 3.73 33.30
C ARG A 380 -8.33 5.22 33.53
N THR A 381 -7.70 5.84 32.55
CA THR A 381 -7.29 7.25 32.63
C THR A 381 -8.47 8.19 32.82
N ILE A 382 -9.50 8.01 32.00
CA ILE A 382 -10.68 8.87 32.05
C ILE A 382 -11.48 8.62 33.32
N SER A 383 -11.59 7.35 33.72
CA SER A 383 -12.28 6.99 34.97
C SER A 383 -11.67 7.69 36.18
N MET A 384 -10.33 7.75 36.23
CA MET A 384 -9.62 8.41 37.33
C MET A 384 -9.72 9.94 37.29
N VAL A 385 -9.76 10.52 36.10
CA VAL A 385 -9.92 11.98 35.94
C VAL A 385 -11.32 12.42 36.37
N ASN A 386 -12.32 11.58 36.11
CA ASN A 386 -13.68 11.80 36.62
C ASN A 386 -13.74 11.61 38.13
N LYS A 387 -13.14 10.52 38.61
CA LYS A 387 -13.19 10.14 40.02
C LYS A 387 -12.52 11.16 40.95
N TYR A 388 -11.36 11.68 40.54
CA TYR A 388 -10.53 12.55 41.39
C TYR A 388 -10.63 14.05 41.11
N PHE A 389 -10.94 14.44 39.86
CA PHE A 389 -11.02 15.86 39.48
C PHE A 389 -12.36 16.28 38.86
N ASP A 390 -13.38 15.41 38.95
CA ASP A 390 -14.70 15.68 38.37
C ASP A 390 -14.65 16.08 36.89
N GLY A 391 -13.74 15.44 36.14
CA GLY A 391 -13.57 15.71 34.71
C GLY A 391 -12.54 16.77 34.36
N GLU A 392 -12.13 17.57 35.34
CA GLU A 392 -11.20 18.69 35.10
C GLU A 392 -9.74 18.22 35.09
N LEU A 393 -9.25 17.83 33.91
CA LEU A 393 -7.85 17.42 33.75
C LEU A 393 -6.91 18.60 34.03
N PRO A 394 -6.09 18.51 35.11
CA PRO A 394 -5.16 19.62 35.39
C PRO A 394 -4.12 19.81 34.31
N ALA A 395 -3.76 21.08 34.06
CA ALA A 395 -2.76 21.46 33.05
C ALA A 395 -1.40 20.79 33.28
N TYR A 396 -0.72 20.48 32.18
CA TYR A 396 0.63 19.96 32.22
C TYR A 396 1.56 21.06 32.70
N GLN A 397 2.30 20.79 33.78
CA GLN A 397 3.27 21.73 34.34
C GLN A 397 4.68 21.37 33.91
N GLY A 398 5.06 20.12 34.15
CA GLY A 398 6.37 19.58 33.77
C GLY A 398 6.49 18.12 34.20
N PRO A 399 7.70 17.55 34.11
CA PRO A 399 7.90 16.19 34.64
C PRO A 399 8.11 16.19 36.16
N LEU A 400 7.01 16.26 36.90
CA LEU A 400 7.05 16.35 38.38
C LEU A 400 7.45 15.03 39.07
N HIS A 401 6.98 13.91 38.53
CA HIS A 401 7.28 12.58 39.06
C HIS A 401 8.65 12.15 38.53
N GLU A 402 9.35 11.35 39.33
CA GLU A 402 10.71 10.89 38.99
C GLU A 402 10.79 9.96 37.77
N LEU A 403 9.67 9.33 37.41
CA LEU A 403 9.57 8.48 36.21
C LEU A 403 9.25 9.24 34.93
N ASP A 404 8.90 10.52 35.04
CA ASP A 404 8.42 11.31 33.90
C ASP A 404 9.52 11.68 32.90
N GLU A 405 10.72 12.01 33.40
CA GLU A 405 11.84 12.43 32.54
C GLU A 405 12.13 11.39 31.45
N GLU A 406 12.28 10.13 31.87
CA GLU A 406 12.51 9.02 30.95
C GLU A 406 11.30 8.66 30.10
N MET A 407 10.09 8.78 30.67
CA MET A 407 8.86 8.46 29.91
C MET A 407 8.62 9.46 28.79
N GLU A 408 8.87 10.74 29.08
CA GLU A 408 8.78 11.80 28.06
C GLU A 408 9.82 11.58 26.95
N ALA A 409 11.04 11.21 27.34
CA ALA A 409 12.07 10.85 26.38
C ALA A 409 11.67 9.63 25.53
N MET A 410 11.06 8.64 26.19
CA MET A 410 10.55 7.45 25.49
C MET A 410 9.46 7.81 24.49
N ALA A 411 8.63 8.78 24.85
CA ALA A 411 7.59 9.30 23.96
C ALA A 411 8.20 9.89 22.69
N LEU A 412 9.25 10.70 22.83
CA LEU A 412 9.96 11.29 21.69
C LEU A 412 10.69 10.23 20.87
N GLU A 413 11.37 9.31 21.54
CA GLU A 413 12.01 8.16 20.88
C GLU A 413 11.02 7.28 20.13
N THR A 414 9.84 7.08 20.71
CA THR A 414 8.76 6.34 20.07
C THR A 414 8.36 6.97 18.73
N VAL A 415 8.21 8.29 18.71
CA VAL A 415 7.91 9.03 17.48
C VAL A 415 9.07 8.91 16.49
N LYS A 416 10.29 9.05 17.00
CA LYS A 416 11.50 8.97 16.17
C LYS A 416 11.68 7.60 15.52
N SER A 417 11.49 6.54 16.31
CA SER A 417 11.57 5.15 15.81
C SER A 417 10.43 4.79 14.87
N TYR A 418 9.22 5.26 15.20
CA TYR A 418 8.04 5.14 14.35
C TYR A 418 8.32 5.70 12.96
N THR A 419 8.87 6.91 12.92
CA THR A 419 9.24 7.57 11.66
C THR A 419 10.22 6.75 10.80
N GLU A 420 11.28 6.23 11.43
CA GLU A 420 12.24 5.37 10.73
C GLU A 420 11.57 4.18 10.08
N SER A 421 10.70 3.52 10.84
CA SER A 421 9.94 2.38 10.35
C SER A 421 8.96 2.77 9.24
N MET A 422 8.28 3.90 9.42
CA MET A 422 7.30 4.38 8.44
C MET A 422 7.93 4.78 7.10
N GLU A 423 9.10 5.40 7.14
CA GLU A 423 9.85 5.75 5.91
C GLU A 423 10.32 4.52 5.12
N SER A 424 10.46 3.37 5.80
CA SER A 424 10.83 2.11 5.15
C SER A 424 9.65 1.14 5.00
N LEU A 425 8.44 1.63 5.25
CA LEU A 425 7.20 0.84 5.19
C LEU A 425 7.24 -0.42 6.08
N GLN A 426 7.94 -0.31 7.21
CA GLN A 426 8.00 -1.38 8.21
C GLN A 426 6.84 -1.18 9.18
N PHE A 427 5.64 -1.45 8.68
CA PHE A 427 4.39 -1.12 9.37
C PHE A 427 4.24 -1.94 10.64
N SER A 428 4.56 -3.23 10.51
CA SER A 428 4.65 -4.16 11.63
C SER A 428 5.53 -3.61 12.76
N VAL A 429 6.71 -3.12 12.40
CA VAL A 429 7.68 -2.59 13.37
C VAL A 429 7.22 -1.24 13.96
N ALA A 430 6.58 -0.40 13.14
CA ALA A 430 6.04 0.89 13.61
C ALA A 430 4.93 0.70 14.65
N LEU A 431 4.03 -0.26 14.40
CA LEU A 431 2.92 -0.53 15.31
C LEU A 431 3.35 -1.15 16.64
N SER A 432 4.32 -2.06 16.60
CA SER A 432 4.83 -2.68 17.83
C SER A 432 5.51 -1.65 18.73
N THR A 433 6.26 -0.74 18.11
CA THR A 433 6.86 0.41 18.79
C THR A 433 5.79 1.27 19.48
N VAL A 434 4.69 1.53 18.77
CA VAL A 434 3.56 2.28 19.35
C VAL A 434 2.97 1.52 20.55
N TRP A 435 2.81 0.19 20.42
CA TRP A 435 2.29 -0.63 21.53
C TRP A 435 3.26 -0.79 22.70
N LYS A 436 4.55 -0.68 22.40
CA LYS A 436 5.59 -0.57 23.43
C LYS A 436 5.28 0.59 24.37
N PHE A 437 4.98 1.74 23.77
CA PHE A 437 4.62 2.95 24.51
C PHE A 437 3.27 2.83 25.22
N ILE A 438 2.29 2.18 24.59
CA ILE A 438 0.97 1.97 25.20
C ILE A 438 1.05 1.07 26.45
N SER A 439 1.86 0.02 26.38
CA SER A 439 2.08 -0.88 27.53
C SER A 439 2.76 -0.17 28.70
N ARG A 440 3.79 0.61 28.38
CA ARG A 440 4.50 1.42 29.37
C ARG A 440 3.59 2.45 30.06
N THR A 441 2.60 2.94 29.37
CA THR A 441 1.65 3.90 29.91
C THR A 441 0.72 3.24 30.91
N ASN A 442 0.43 1.99 30.66
CA ASN A 442 -0.39 1.19 31.53
C ASN A 442 0.43 0.80 32.73
N LYS A 443 1.73 0.62 32.53
CA LYS A 443 2.71 0.33 33.51
C LYS A 443 2.88 1.47 34.50
N TYR A 444 2.82 2.69 33.99
CA TYR A 444 2.91 3.93 34.74
C TYR A 444 1.74 4.15 35.69
N ILE A 445 0.59 3.64 35.35
CA ILE A 445 -0.49 3.67 36.25
C ILE A 445 -0.16 2.74 37.41
N ASP A 446 0.30 1.54 37.12
CA ASP A 446 0.59 0.52 38.12
C ASP A 446 1.65 0.96 39.12
N GLU A 447 2.66 1.69 38.63
CA GLU A 447 3.81 2.10 39.46
C GLU A 447 3.67 3.49 40.10
N THR A 448 2.75 4.33 39.61
CA THR A 448 2.40 5.59 40.30
C THR A 448 1.26 5.42 41.30
N THR A 449 0.36 4.45 41.04
CA THR A 449 -0.79 4.16 41.92
C THR A 449 -1.57 5.42 42.31
N PRO A 450 -2.26 6.06 41.35
CA PRO A 450 -2.90 7.35 41.60
C PRO A 450 -3.95 7.37 42.72
N TRP A 451 -4.67 6.26 42.89
CA TRP A 451 -5.61 6.07 44.01
C TRP A 451 -4.97 6.25 45.39
N VAL A 452 -3.70 5.90 45.54
CA VAL A 452 -2.96 6.17 46.78
C VAL A 452 -2.69 7.68 46.93
N LEU A 453 -2.29 8.33 45.84
CA LEU A 453 -2.07 9.77 45.81
C LEU A 453 -3.35 10.57 46.07
N ALA A 454 -4.48 10.08 45.56
CA ALA A 454 -5.78 10.76 45.72
C ALA A 454 -6.23 10.91 47.17
N LYS A 455 -5.91 9.93 48.02
CA LYS A 455 -6.28 9.98 49.44
C LYS A 455 -5.63 11.15 50.19
N ASP A 456 -4.34 11.38 49.95
CA ASP A 456 -3.60 12.49 50.56
C ASP A 456 -3.86 13.79 49.80
N ASP A 457 -4.38 14.79 50.51
CA ASP A 457 -4.62 16.13 49.94
C ASP A 457 -3.32 16.86 49.56
N SER A 458 -2.24 16.55 50.27
CA SER A 458 -0.91 17.09 49.98
C SER A 458 -0.34 16.69 48.61
N GLN A 459 -0.85 15.61 48.03
CA GLN A 459 -0.37 15.07 46.75
C GLN A 459 -1.25 15.46 45.54
N LYS A 460 -2.01 16.55 45.65
CA LYS A 460 -2.94 16.97 44.58
C LYS A 460 -2.22 17.36 43.27
N ASP A 461 -1.10 18.06 43.40
CA ASP A 461 -0.27 18.45 42.24
C ASP A 461 0.33 17.24 41.52
N MET A 462 0.85 16.29 42.31
CA MET A 462 1.44 15.07 41.77
C MET A 462 0.41 14.16 41.10
N LEU A 463 -0.80 14.10 41.66
CA LEU A 463 -1.90 13.35 41.05
C LEU A 463 -2.29 13.93 39.70
N GLY A 464 -2.47 15.25 39.64
CA GLY A 464 -2.74 15.96 38.38
C GLY A 464 -1.65 15.80 37.33
N ASN A 465 -0.40 15.82 37.78
CA ASN A 465 0.76 15.54 36.92
C ASN A 465 0.70 14.15 36.30
N VAL A 466 0.32 13.17 37.12
CA VAL A 466 0.21 11.78 36.69
C VAL A 466 -0.94 11.64 35.69
N MET A 467 -2.10 12.22 36.02
CA MET A 467 -3.23 12.27 35.09
C MET A 467 -2.86 12.95 33.78
N ALA A 468 -2.13 14.06 33.85
CA ALA A 468 -1.68 14.82 32.68
C ALA A 468 -0.78 14.00 31.76
N HIS A 469 0.15 13.25 32.36
CA HIS A 469 1.08 12.39 31.60
C HIS A 469 0.36 11.21 30.94
N LEU A 470 -0.57 10.61 31.67
CA LEU A 470 -1.48 9.60 31.11
C LEU A 470 -2.14 10.10 29.82
N VAL A 471 -2.78 11.26 29.88
CA VAL A 471 -3.55 11.80 28.75
C VAL A 471 -2.63 12.19 27.58
N GLU A 472 -1.47 12.77 27.89
CA GLU A 472 -0.50 13.14 26.84
C GLU A 472 0.07 11.90 26.15
N ASN A 473 0.44 10.87 26.94
CA ASN A 473 0.87 9.58 26.36
C ASN A 473 -0.19 9.02 25.40
N ILE A 474 -1.46 9.04 25.83
CA ILE A 474 -2.58 8.55 25.02
C ILE A 474 -2.74 9.35 23.73
N ARG A 475 -2.50 10.67 23.81
CA ARG A 475 -2.56 11.53 22.64
C ARG A 475 -1.46 11.20 21.63
N TYR A 476 -0.22 11.03 22.11
CA TYR A 476 0.90 10.57 21.27
C TYR A 476 0.55 9.31 20.49
N ALA A 477 0.01 8.31 21.19
CA ALA A 477 -0.41 7.05 20.56
C ALA A 477 -1.52 7.28 19.54
N ALA A 478 -2.49 8.13 19.89
CA ALA A 478 -3.63 8.43 19.02
C ALA A 478 -3.21 9.09 17.71
N VAL A 479 -2.31 10.08 17.80
CA VAL A 479 -1.83 10.81 16.63
C VAL A 479 -1.04 9.88 15.72
N LEU A 480 -0.10 9.15 16.31
CA LEU A 480 0.68 8.12 15.60
C LEU A 480 -0.17 7.03 14.95
N LEU A 481 -1.34 6.73 15.53
CA LEU A 481 -2.27 5.73 14.96
C LEU A 481 -3.26 6.23 13.91
N ARG A 482 -3.32 7.54 13.68
CA ARG A 482 -4.26 8.11 12.69
C ARG A 482 -4.10 7.56 11.26
N PRO A 483 -2.86 7.32 10.79
CA PRO A 483 -2.67 6.67 9.49
C PRO A 483 -3.20 5.23 9.42
N PHE A 484 -3.14 4.50 10.53
CA PHE A 484 -3.51 3.09 10.57
C PHE A 484 -5.01 2.89 10.81
N LEU A 485 -5.53 3.55 11.85
CA LEU A 485 -6.92 3.39 12.29
C LEU A 485 -7.68 4.69 12.08
N THR A 486 -8.92 4.58 11.61
CA THR A 486 -9.75 5.75 11.28
C THR A 486 -10.74 6.12 12.39
N HIS A 487 -11.30 5.12 13.07
CA HIS A 487 -12.32 5.34 14.11
C HIS A 487 -11.72 5.56 15.49
N ALA A 488 -10.92 4.60 15.95
CA ALA A 488 -10.47 4.58 17.36
C ALA A 488 -9.80 5.89 17.83
N PRO A 489 -8.78 6.39 17.10
CA PRO A 489 -8.13 7.65 17.48
C PRO A 489 -9.08 8.85 17.54
N LYS A 490 -10.00 8.92 16.57
CA LYS A 490 -11.02 9.97 16.52
C LYS A 490 -11.87 9.97 17.79
N GLU A 491 -12.30 8.79 18.24
CA GLU A 491 -13.12 8.66 19.45
C GLU A 491 -12.32 8.94 20.74
N ILE A 492 -11.04 8.63 20.73
CA ILE A 492 -10.14 8.98 21.84
C ILE A 492 -10.03 10.51 21.99
N PHE A 493 -9.84 11.20 20.86
CA PHE A 493 -9.79 12.67 20.87
C PHE A 493 -11.10 13.27 21.39
N GLU A 494 -12.22 12.70 20.94
CA GLU A 494 -13.55 13.12 21.42
C GLU A 494 -13.78 12.84 22.91
N GLN A 495 -13.35 11.66 23.38
CA GLN A 495 -13.46 11.30 24.80
C GLN A 495 -12.61 12.18 25.71
N LEU A 496 -11.38 12.46 25.29
CA LEU A 496 -10.47 13.36 26.04
C LEU A 496 -10.79 14.86 25.87
N ASN A 497 -11.70 15.18 24.93
CA ASN A 497 -12.08 16.56 24.60
C ASN A 497 -10.89 17.33 24.02
N ILE A 498 -10.22 16.71 23.06
CA ILE A 498 -9.15 17.32 22.31
C ILE A 498 -9.74 17.67 20.94
N ASN A 499 -10.35 18.85 20.89
CA ASN A 499 -11.02 19.34 19.66
C ASN A 499 -10.05 19.98 18.68
N ASN A 500 -9.03 20.67 19.20
CA ASN A 500 -8.05 21.39 18.37
C ASN A 500 -7.39 20.46 17.33
N PRO A 501 -7.52 20.79 16.03
CA PRO A 501 -6.74 20.09 15.00
C PRO A 501 -5.22 20.22 15.18
N GLN A 502 -4.77 21.28 15.82
CA GLN A 502 -3.36 21.44 16.23
C GLN A 502 -2.86 20.31 17.14
N PHE A 503 -3.73 19.80 18.01
CA PHE A 503 -3.39 18.67 18.89
C PHE A 503 -3.50 17.28 18.23
N MET A 504 -3.82 17.21 16.93
CA MET A 504 -3.94 15.94 16.22
C MET A 504 -2.82 15.66 15.20
N GLU A 505 -1.95 16.65 14.95
CA GLU A 505 -0.91 16.52 13.92
C GLU A 505 0.41 16.05 14.51
N PHE A 506 1.29 15.55 13.64
CA PHE A 506 2.63 15.09 14.04
C PHE A 506 3.45 16.18 14.73
N SER A 507 3.46 17.38 14.16
CA SER A 507 4.25 18.50 14.69
C SER A 507 4.02 18.79 16.17
N SER A 508 2.80 18.56 16.66
CA SER A 508 2.47 18.68 18.10
C SER A 508 3.08 17.61 19.01
N LEU A 509 3.68 16.57 18.43
CA LEU A 509 4.46 15.57 19.18
C LEU A 509 5.96 15.92 19.33
N GLU A 510 6.39 17.06 18.77
CA GLU A 510 7.81 17.43 18.79
C GLU A 510 8.30 17.81 20.18
N GLN A 511 7.45 18.48 20.97
CA GLN A 511 7.73 18.76 22.38
C GLN A 511 6.59 18.21 23.24
N TYR A 512 6.93 17.34 24.19
CA TYR A 512 5.96 16.77 25.13
C TYR A 512 5.35 17.84 26.02
N GLY A 513 4.08 17.66 26.38
CA GLY A 513 3.40 18.53 27.34
C GLY A 513 2.59 19.63 26.68
N VAL A 514 1.79 19.28 25.71
CA VAL A 514 1.01 20.20 24.90
C VAL A 514 -0.22 20.91 25.50
N LEU A 515 -0.75 20.38 26.56
CA LEU A 515 -1.91 20.90 27.23
C LEU A 515 -1.64 21.63 28.52
N ASN A 516 -1.32 22.90 28.43
CA ASN A 516 -1.02 23.71 29.60
C ASN A 516 -2.10 24.48 30.18
N GLU A 517 -3.27 24.22 29.72
CA GLU A 517 -4.44 24.78 30.26
C GLU A 517 -5.34 23.59 30.55
N SER A 518 -6.13 23.73 31.59
CA SER A 518 -7.03 22.65 32.03
C SER A 518 -8.11 22.30 31.00
N ILE A 519 -8.48 21.03 30.97
CA ILE A 519 -9.42 20.46 29.99
C ILE A 519 -10.50 19.68 30.73
N MET A 520 -11.72 19.75 30.20
CA MET A 520 -12.83 18.95 30.69
C MET A 520 -12.95 17.70 29.83
N VAL A 521 -12.59 16.54 30.37
CA VAL A 521 -12.79 15.25 29.67
C VAL A 521 -14.26 14.83 29.75
N THR A 522 -14.63 13.83 28.95
CA THR A 522 -16.04 13.40 28.83
C THR A 522 -16.56 12.66 30.08
N GLY A 523 -17.85 12.86 30.37
CA GLY A 523 -18.48 12.39 31.61
C GLY A 523 -18.79 10.90 31.69
N GLN A 524 -19.20 10.31 30.56
CA GLN A 524 -19.59 8.90 30.50
C GLN A 524 -18.99 8.21 29.27
N PRO A 525 -17.76 7.66 29.41
CA PRO A 525 -17.12 6.88 28.34
C PRO A 525 -17.08 5.38 28.65
#